data_7FY1
#
_entry.id   7FY1
#
_cell.length_a   107.980
_cell.length_b   107.980
_cell.length_c   76.930
_cell.angle_alpha   90.000
_cell.angle_beta   90.000
_cell.angle_gamma   120.000
#
_symmetry.space_group_name_H-M   'P 65 2 2'
#
loop_
_entity.id
_entity.type
_entity.pdbx_description
1 polymer 'Fatty acid-binding protein 9'
2 non-polymer 'MYRISTIC ACID'
3 water water
#
_entity_poly.entity_id   1
_entity_poly.type   'polypeptide(L)'
_entity_poly.pdbx_seq_one_letter_code
;GSHMVEPFLGTWKLVSSENFEDYMKELGVNFAARNMAGLVKPTVTISVDGKMMTIRTESSFQDTKISFKLGEEFDETTAD
NRKVKSTITLENGSMIHVQKWLGKETTIKRKIVDEKMVVECKMNNIVSTRIYEKV
;
_entity_poly.pdbx_strand_id   A
#
loop_
_chem_comp.id
_chem_comp.type
_chem_comp.name
_chem_comp.formula
MYR non-polymer 'MYRISTIC ACID' 'C14 H28 O2'
#
# COMPACT_ATOMS: atom_id res chain seq x y z
N SER A 2 -15.68 13.01 8.83
CA SER A 2 -14.36 12.50 8.40
C SER A 2 -13.75 13.30 7.24
N HIS A 3 -12.83 14.21 7.57
CA HIS A 3 -12.20 15.11 6.62
C HIS A 3 -10.77 14.71 6.27
N MET A 4 -10.08 14.03 7.17
CA MET A 4 -8.64 13.84 7.01
C MET A 4 -8.32 12.83 5.90
N VAL A 5 -9.22 11.86 5.65
CA VAL A 5 -9.02 10.87 4.58
C VAL A 5 -9.38 11.38 3.20
N GLU A 6 -10.17 12.44 3.12
CA GLU A 6 -10.80 12.83 1.87
C GLU A 6 -9.84 12.89 0.68
N PRO A 7 -8.64 13.48 0.78
CA PRO A 7 -7.75 13.53 -0.40
C PRO A 7 -7.38 12.18 -0.98
N PHE A 8 -7.38 11.12 -0.18
CA PHE A 8 -7.02 9.80 -0.70
C PHE A 8 -8.21 9.05 -1.30
N LEU A 9 -9.41 9.58 -1.20
CA LEU A 9 -10.55 8.84 -1.73
C LEU A 9 -10.51 8.88 -3.25
N GLY A 10 -10.64 7.72 -3.88
CA GLY A 10 -10.73 7.69 -5.33
C GLY A 10 -10.06 6.48 -5.90
N THR A 11 -9.90 6.51 -7.21
CA THR A 11 -9.25 5.46 -7.99
C THR A 11 -7.95 6.01 -8.53
N TRP A 12 -6.86 5.30 -8.30
CA TRP A 12 -5.51 5.71 -8.60
C TRP A 12 -4.86 4.65 -9.46
N LYS A 13 -4.13 5.06 -10.49
CA LYS A 13 -3.46 4.14 -11.37
C LYS A 13 -1.96 4.43 -11.31
N LEU A 14 -1.14 3.38 -11.13
CA LEU A 14 0.30 3.55 -11.03
C LEU A 14 0.88 4.15 -12.31
N VAL A 15 1.79 5.11 -12.17
CA VAL A 15 2.50 5.60 -13.36
C VAL A 15 4.00 5.55 -13.21
N SER A 16 4.55 5.45 -12.01
CA SER A 16 6.00 5.31 -11.93
C SER A 16 6.38 4.60 -10.64
N SER A 17 7.53 3.93 -10.69
CA SER A 17 8.01 3.01 -9.69
C SER A 17 9.53 3.11 -9.61
N GLU A 18 10.06 3.24 -8.41
CA GLU A 18 11.50 3.36 -8.22
C GLU A 18 11.90 2.39 -7.13
N ASN A 19 12.81 1.45 -7.45
CA ASN A 19 13.44 0.53 -6.50
C ASN A 19 12.47 -0.51 -5.94
N PHE A 20 11.37 -0.79 -6.65
CA PHE A 20 10.41 -1.78 -6.16
C PHE A 20 11.03 -3.17 -6.06
N GLU A 21 11.95 -3.51 -6.97
CA GLU A 21 12.60 -4.83 -6.96
C GLU A 21 13.31 -5.10 -5.62
N ASP A 22 14.13 -4.14 -5.16
CA ASP A 22 14.87 -4.36 -3.90
C ASP A 22 13.95 -4.31 -2.69
N TYR A 23 12.90 -3.49 -2.72
CA TYR A 23 11.93 -3.51 -1.64
C TYR A 23 11.28 -4.88 -1.52
N MET A 24 10.80 -5.42 -2.64
CA MET A 24 10.26 -6.78 -2.62
C MET A 24 11.33 -7.79 -2.24
N LYS A 25 12.57 -7.58 -2.69
CA LYS A 25 13.61 -8.52 -2.31
C LYS A 25 13.79 -8.52 -0.81
N GLU A 26 13.83 -7.34 -0.21
CA GLU A 26 13.88 -7.20 1.24
C GLU A 26 12.67 -7.86 1.92
N LEU A 27 11.50 -7.76 1.32
CA LEU A 27 10.30 -8.40 1.90
C LEU A 27 10.36 -9.92 1.88
N GLY A 28 11.15 -10.52 0.99
CA GLY A 28 11.19 -11.95 0.87
C GLY A 28 10.33 -12.49 -0.25
N VAL A 29 9.86 -11.65 -1.15
CA VAL A 29 9.05 -12.13 -2.27
C VAL A 29 9.94 -12.96 -3.16
N ASN A 30 9.51 -14.19 -3.49
CA ASN A 30 10.31 -15.04 -4.38
C ASN A 30 10.46 -14.39 -5.74
N PHE A 31 11.52 -14.78 -6.47
CA PHE A 31 11.90 -14.05 -7.67
C PHE A 31 10.87 -14.17 -8.77
N ALA A 32 10.17 -15.30 -8.84
CA ALA A 32 9.10 -15.42 -9.83
C ALA A 32 8.02 -14.40 -9.56
N ALA A 33 7.58 -14.28 -8.30
CA ALA A 33 6.56 -13.29 -7.96
C ALA A 33 7.05 -11.86 -8.17
N ARG A 34 8.35 -11.60 -7.98
CA ARG A 34 8.87 -10.26 -8.14
C ARG A 34 8.69 -9.73 -9.55
N ASN A 35 8.63 -10.60 -10.56
CA ASN A 35 8.45 -10.10 -11.91
C ASN A 35 6.99 -10.11 -12.36
N MET A 36 6.11 -10.78 -11.60
CA MET A 36 4.67 -10.55 -11.73
C MET A 36 4.29 -9.16 -11.23
N ALA A 37 4.80 -8.79 -10.05
CA ALA A 37 4.50 -7.48 -9.48
C ALA A 37 5.28 -6.37 -10.17
N GLY A 38 6.42 -6.70 -10.79
CA GLY A 38 7.32 -5.66 -11.24
C GLY A 38 7.00 -5.06 -12.59
N LEU A 39 6.24 -5.76 -13.43
CA LEU A 39 6.00 -5.34 -14.80
C LEU A 39 4.55 -4.95 -15.03
N VAL A 40 3.85 -4.56 -13.97
CA VAL A 40 2.40 -4.31 -14.01
C VAL A 40 2.13 -2.95 -13.38
N LYS A 41 1.05 -2.28 -13.84
CA LYS A 41 0.63 -1.02 -13.24
C LYS A 41 -0.71 -1.19 -12.52
N PRO A 42 -0.71 -1.37 -11.19
CA PRO A 42 -1.97 -1.63 -10.49
C PRO A 42 -2.86 -0.41 -10.40
N THR A 43 -4.16 -0.68 -10.26
CA THR A 43 -5.16 0.31 -9.91
C THR A 43 -5.57 0.10 -8.46
N VAL A 44 -5.38 1.15 -7.67
CA VAL A 44 -5.66 1.15 -6.24
C VAL A 44 -6.92 1.99 -6.03
N THR A 45 -7.90 1.42 -5.33
CA THR A 45 -9.15 2.12 -5.08
C THR A 45 -9.30 2.28 -3.57
N ILE A 46 -9.50 3.53 -3.13
CA ILE A 46 -9.65 3.91 -1.72
C ILE A 46 -11.04 4.48 -1.52
N SER A 47 -11.75 3.95 -0.54
CA SER A 47 -13.16 4.25 -0.36
C SER A 47 -13.47 4.15 1.12
N VAL A 48 -14.61 4.71 1.51
CA VAL A 48 -15.09 4.62 2.87
C VAL A 48 -16.57 4.27 2.84
N ASP A 49 -16.98 3.38 3.74
CA ASP A 49 -18.38 3.04 3.92
C ASP A 49 -18.66 3.18 5.40
N GLY A 50 -18.92 4.41 5.84
CA GLY A 50 -19.18 4.68 7.24
C GLY A 50 -17.96 4.56 8.15
N LYS A 51 -17.99 3.59 9.07
CA LYS A 51 -16.86 3.35 9.97
C LYS A 51 -15.67 2.72 9.23
N MET A 52 -15.92 2.14 8.07
CA MET A 52 -15.04 1.20 7.42
C MET A 52 -14.33 1.82 6.22
N MET A 53 -13.03 1.54 6.11
CA MET A 53 -12.28 1.88 4.90
C MET A 53 -11.89 0.62 4.15
N THR A 54 -11.83 0.75 2.82
CA THR A 54 -11.41 -0.33 1.94
C THR A 54 -10.36 0.20 0.98
N ILE A 55 -9.28 -0.55 0.82
CA ILE A 55 -8.23 -0.28 -0.14
C ILE A 55 -8.06 -1.51 -1.02
N ARG A 56 -8.50 -1.39 -2.27
CA ARG A 56 -8.41 -2.48 -3.23
C ARG A 56 -7.25 -2.24 -4.18
N THR A 57 -6.43 -3.27 -4.38
CA THR A 57 -5.36 -3.26 -5.37
C THR A 57 -5.67 -4.30 -6.46
N GLU A 58 -5.79 -3.85 -7.72
CA GLU A 58 -6.10 -4.75 -8.84
C GLU A 58 -5.01 -4.72 -9.89
N SER A 59 -4.66 -5.91 -10.39
CA SER A 59 -3.60 -6.16 -11.36
C SER A 59 -4.11 -7.05 -12.47
N SER A 60 -3.31 -7.14 -13.54
CA SER A 60 -3.35 -8.32 -14.41
C SER A 60 -3.47 -9.57 -13.55
N PHE A 61 -2.61 -9.67 -12.52
CA PHE A 61 -2.26 -10.84 -11.72
C PHE A 61 -3.00 -10.89 -10.40
N GLN A 62 -2.81 -9.86 -9.56
CA GLN A 62 -3.30 -9.78 -8.18
C GLN A 62 -4.56 -8.94 -8.13
N ASP A 63 -5.49 -9.30 -7.25
CA ASP A 63 -6.71 -8.53 -7.04
C ASP A 63 -7.11 -8.47 -5.56
N THR A 64 -6.18 -8.06 -4.70
CA THR A 64 -6.36 -8.15 -3.26
C THR A 64 -6.87 -6.85 -2.65
N LYS A 65 -7.46 -6.95 -1.47
CA LYS A 65 -8.00 -5.78 -0.81
C LYS A 65 -8.05 -5.96 0.70
N ILE A 66 -8.13 -4.84 1.43
CA ILE A 66 -8.23 -4.83 2.87
C ILE A 66 -9.33 -3.87 3.31
N SER A 67 -10.00 -4.21 4.40
CA SER A 67 -11.01 -3.36 5.01
C SER A 67 -10.66 -3.23 6.49
N PHE A 68 -10.83 -2.02 7.03
CA PHE A 68 -10.31 -1.75 8.37
C PHE A 68 -10.96 -0.48 8.88
N LYS A 69 -10.88 -0.29 10.20
CA LYS A 69 -11.08 1.01 10.82
C LYS A 69 -9.72 1.66 11.13
N LEU A 70 -9.66 2.99 10.99
CA LEU A 70 -8.40 3.71 11.23
C LEU A 70 -7.93 3.48 12.65
N GLY A 71 -6.64 3.20 12.81
CA GLY A 71 -6.09 3.05 14.15
C GLY A 71 -6.52 1.80 14.89
N GLU A 72 -7.11 0.82 14.20
CA GLU A 72 -7.48 -0.46 14.79
C GLU A 72 -6.69 -1.55 14.08
N GLU A 73 -5.80 -2.21 14.81
CA GLU A 73 -5.02 -3.30 14.21
C GLU A 73 -5.94 -4.37 13.66
N PHE A 74 -5.57 -4.95 12.52
CA PHE A 74 -6.33 -6.01 11.90
C PHE A 74 -5.39 -7.01 11.26
N ASP A 75 -5.87 -8.25 11.07
CA ASP A 75 -5.13 -9.29 10.37
C ASP A 75 -5.18 -9.10 8.85
N GLU A 76 -4.03 -9.21 8.18
CA GLU A 76 -3.96 -9.08 6.73
C GLU A 76 -3.08 -10.18 6.14
N THR A 77 -3.55 -10.79 5.06
CA THR A 77 -2.72 -11.63 4.20
C THR A 77 -2.30 -10.75 3.03
N THR A 78 -1.00 -10.55 2.89
CA THR A 78 -0.54 -9.66 1.83
C THR A 78 -0.51 -10.44 0.51
N ALA A 79 -0.25 -9.70 -0.59
CA ALA A 79 -0.26 -10.28 -1.93
C ALA A 79 0.85 -11.31 -2.09
N ASP A 80 1.92 -11.17 -1.32
CA ASP A 80 2.98 -12.15 -1.30
C ASP A 80 2.79 -13.20 -0.23
N ASN A 81 1.63 -13.22 0.44
CA ASN A 81 1.25 -14.29 1.37
C ASN A 81 2.02 -14.23 2.70
N ARG A 82 2.35 -13.02 3.16
CA ARG A 82 2.70 -12.83 4.57
C ARG A 82 1.41 -12.66 5.36
N LYS A 83 1.40 -13.18 6.59
CA LYS A 83 0.28 -13.03 7.52
C LYS A 83 0.69 -11.98 8.51
N VAL A 84 0.21 -10.75 8.35
CA VAL A 84 0.73 -9.64 9.15
C VAL A 84 -0.36 -9.07 10.05
N LYS A 85 0.06 -8.27 11.02
CA LYS A 85 -0.83 -7.40 11.81
C LYS A 85 -0.68 -5.98 11.28
N SER A 86 -1.76 -5.40 10.77
CA SER A 86 -1.75 -4.09 10.11
C SER A 86 -2.46 -3.04 10.94
N THR A 87 -1.89 -1.82 10.99
CA THR A 87 -2.51 -0.67 11.63
C THR A 87 -2.36 0.49 10.66
N ILE A 88 -3.46 1.18 10.37
CA ILE A 88 -3.45 2.26 9.40
C ILE A 88 -3.94 3.52 10.10
N THR A 89 -3.12 4.58 10.06
CA THR A 89 -3.37 5.84 10.70
C THR A 89 -3.24 6.94 9.66
N LEU A 90 -3.67 8.13 10.05
CA LEU A 90 -3.41 9.37 9.31
C LEU A 90 -2.56 10.27 10.18
N GLU A 91 -1.39 10.66 9.68
CA GLU A 91 -0.48 11.44 10.50
C GLU A 91 0.19 12.47 9.61
N ASN A 92 0.00 13.73 9.95
CA ASN A 92 0.64 14.82 9.23
C ASN A 92 0.20 14.84 7.76
N GLY A 93 -1.05 14.46 7.51
CA GLY A 93 -1.51 14.43 6.13
C GLY A 93 -0.98 13.27 5.32
N SER A 94 -0.25 12.33 5.92
CA SER A 94 0.04 11.06 5.27
C SER A 94 -0.87 9.97 5.79
N MET A 95 -1.14 8.99 4.96
CA MET A 95 -1.78 7.78 5.44
C MET A 95 -0.65 6.78 5.67
N ILE A 96 -0.56 6.23 6.89
CA ILE A 96 0.53 5.35 7.28
C ILE A 96 -0.01 3.95 7.55
N HIS A 97 0.58 2.95 6.88
CA HIS A 97 0.22 1.54 7.01
C HIS A 97 1.45 0.82 7.54
N VAL A 98 1.36 0.32 8.77
CA VAL A 98 2.38 -0.53 9.36
C VAL A 98 1.93 -2.00 9.31
N GLN A 99 2.79 -2.87 8.75
CA GLN A 99 2.65 -4.32 8.86
C GLN A 99 3.71 -4.88 9.79
N LYS A 100 3.31 -5.71 10.76
CA LYS A 100 4.24 -6.40 11.66
C LYS A 100 4.00 -7.90 11.56
N TRP A 101 5.09 -8.66 11.47
CA TRP A 101 4.98 -10.10 11.31
C TRP A 101 6.34 -10.72 11.59
N LEU A 102 6.37 -11.77 12.41
CA LEU A 102 7.61 -12.47 12.72
C LEU A 102 8.66 -11.51 13.28
N GLY A 103 8.24 -10.46 13.97
CA GLY A 103 9.22 -9.56 14.55
C GLY A 103 9.85 -8.66 13.53
N LYS A 104 9.38 -8.70 12.28
CA LYS A 104 9.75 -7.81 11.19
C LYS A 104 8.66 -6.75 11.04
N GLU A 105 9.03 -5.62 10.44
CA GLU A 105 8.07 -4.55 10.18
C GLU A 105 8.36 -3.93 8.83
N THR A 106 7.30 -3.49 8.12
CA THR A 106 7.45 -2.62 6.97
C THR A 106 6.35 -1.55 7.03
N THR A 107 6.58 -0.39 6.42
CA THR A 107 5.54 0.64 6.43
C THR A 107 5.30 1.19 5.03
N ILE A 108 4.03 1.50 4.76
CA ILE A 108 3.62 2.04 3.48
C ILE A 108 3.01 3.39 3.80
N LYS A 109 3.59 4.46 3.26
CA LYS A 109 3.13 5.82 3.52
C LYS A 109 2.59 6.39 2.22
N ARG A 110 1.39 6.96 2.28
CA ARG A 110 0.84 7.62 1.10
C ARG A 110 0.59 9.07 1.44
N LYS A 111 0.99 9.97 0.56
CA LYS A 111 0.57 11.35 0.74
C LYS A 111 0.19 11.90 -0.62
N ILE A 112 -0.70 12.88 -0.63
CA ILE A 112 -1.08 13.53 -1.87
C ILE A 112 -0.13 14.70 -2.11
N VAL A 113 0.54 14.69 -3.26
CA VAL A 113 1.42 15.76 -3.67
C VAL A 113 0.98 16.17 -5.07
N ASP A 114 0.54 17.42 -5.22
CA ASP A 114 0.19 17.95 -6.55
C ASP A 114 -0.85 17.07 -7.24
N GLU A 115 -1.87 16.61 -6.49
CA GLU A 115 -2.93 15.72 -6.97
C GLU A 115 -2.44 14.31 -7.37
N LYS A 116 -1.18 13.95 -7.12
CA LYS A 116 -0.71 12.59 -7.34
C LYS A 116 -0.59 11.93 -5.98
N MET A 117 -0.72 10.61 -5.94
CA MET A 117 -0.51 9.91 -4.70
C MET A 117 0.90 9.32 -4.74
N VAL A 118 1.75 9.84 -3.89
CA VAL A 118 3.11 9.34 -3.74
C VAL A 118 3.12 8.34 -2.61
N VAL A 119 3.50 7.10 -2.90
CA VAL A 119 3.51 6.01 -1.94
C VAL A 119 4.95 5.63 -1.67
N GLU A 120 5.39 5.73 -0.42
CA GLU A 120 6.72 5.30 -0.03
C GLU A 120 6.63 3.98 0.74
N CYS A 121 7.32 2.95 0.23
CA CYS A 121 7.40 1.65 0.89
C CYS A 121 8.79 1.49 1.48
N LYS A 122 8.87 1.22 2.79
CA LYS A 122 10.15 1.16 3.47
C LYS A 122 10.26 -0.12 4.30
N MET A 123 11.39 -0.81 4.18
CA MET A 123 11.71 -1.88 5.11
C MET A 123 13.22 -1.88 5.29
N ASN A 124 13.67 -1.73 6.54
CA ASN A 124 15.08 -1.87 6.87
C ASN A 124 15.96 -0.96 6.01
N ASN A 125 15.55 0.29 5.87
CA ASN A 125 16.31 1.28 5.11
C ASN A 125 16.37 1.03 3.60
N ILE A 126 15.57 0.08 3.08
CA ILE A 126 15.32 0.00 1.64
C ILE A 126 14.03 0.77 1.37
N VAL A 127 14.06 1.68 0.40
CA VAL A 127 12.90 2.51 0.09
C VAL A 127 12.51 2.35 -1.37
N SER A 128 11.21 2.15 -1.62
CA SER A 128 10.63 2.20 -2.95
C SER A 128 9.57 3.30 -2.98
N THR A 129 9.59 4.12 -4.04
CA THR A 129 8.61 5.18 -4.24
C THR A 129 7.75 4.91 -5.48
N ARG A 130 6.44 4.87 -5.29
CA ARG A 130 5.50 4.55 -6.35
C ARG A 130 4.53 5.70 -6.42
N ILE A 131 4.27 6.23 -7.62
CA ILE A 131 3.46 7.43 -7.76
C ILE A 131 2.26 7.06 -8.60
N TYR A 132 1.06 7.39 -8.11
CA TYR A 132 -0.18 7.07 -8.83
C TYR A 132 -0.88 8.33 -9.27
N GLU A 133 -1.67 8.25 -10.35
CA GLU A 133 -2.45 9.37 -10.88
C GLU A 133 -3.92 9.10 -10.62
N LYS A 134 -4.68 10.15 -10.30
CA LYS A 134 -6.10 9.95 -10.04
C LYS A 134 -6.80 9.68 -11.37
N VAL A 135 -7.67 8.67 -11.39
CA VAL A 135 -8.44 8.32 -12.60
C VAL A 135 -9.82 8.93 -12.54
C1 MYR B . 1.40 0.20 -3.28
O1 MYR B . 2.12 0.58 -4.23
O2 MYR B . 0.21 0.61 -3.19
C2 MYR B . 1.95 -0.72 -2.21
C3 MYR B . 2.75 -1.90 -2.76
C4 MYR B . 2.80 -2.93 -1.63
C5 MYR B . 3.38 -4.27 -2.07
C6 MYR B . 3.49 -5.21 -0.87
C7 MYR B . 3.88 -6.61 -1.32
C8 MYR B . 3.36 -6.88 -2.71
C9 MYR B . 4.47 -7.48 -3.56
C10 MYR B . 4.13 -8.91 -3.96
C11 MYR B . 3.28 -9.09 -5.22
C12 MYR B . 3.10 -10.59 -5.57
C13 MYR B . 2.19 -10.89 -6.77
C14 MYR B . 0.73 -11.01 -6.36
#